data_7W8W
#
_entry.id   7W8W
#
_cell.length_a   49.728
_cell.length_b   44.878
_cell.length_c   78.336
_cell.angle_alpha   90.000
_cell.angle_beta   98.383
_cell.angle_gamma   90.000
#
_symmetry.space_group_name_H-M   'P 1 21 1'
#
loop_
_entity.id
_entity.type
_entity.pdbx_description
1 polymer '6-dimethylallyltryptophan synthase'
2 non-polymer 'DIMETHYLALLYL S-THIOLODIPHOSPHATE'
3 non-polymer 'SULFATE ION'
4 non-polymer 5-methyl-L-tryptophan
5 water water
#
_entity_poly.entity_id   1
_entity_poly.type   'polypeptide(L)'
_entity_poly.pdbx_seq_one_letter_code
;GSHLEPTQLGGLVTDQLARLCDVARLDRTDTETYVQTLATSLGTAAERSLALPPTTATLLSDDHTPVEYSLAFLPGATPA
LRVLVEPGWDSGDLAENGRAGLRAIRAMADRWNFSTDQLDLLEDLFFPVAPAGPFALWCALELRPGGVPGVKVYLNPAAR
GRDRRAETLREALDRLGHRQAFAALPPADDYPFLALDLGEWAAPRVKVYCTHESLSAQEAGEYSRLAAADGRDQTTDFFH
AVAGTDAGGTGQPSTRRALTCHSFTDTVTGRPSGFTLHMPVRSYVEHDGRARDRAADVLRRYGMDNDALDRALAAVTPRP
LDDGVGLVAYVALVHQLGRDPRVTVYVSSEAYAVQPPRTALATGPGIGR
;
_entity_poly.pdbx_strand_id   A
#
# COMPACT_ATOMS: atom_id res chain seq x y z
N GLY A 1 23.36 -15.29 -3.54
CA GLY A 1 23.17 -16.60 -2.97
C GLY A 1 22.17 -16.63 -1.83
N SER A 2 21.86 -15.45 -1.30
CA SER A 2 20.86 -15.31 -0.25
C SER A 2 21.36 -15.87 1.08
N HIS A 3 21.77 -15.00 1.98
CA HIS A 3 22.20 -15.38 3.32
C HIS A 3 21.04 -15.71 4.24
N LEU A 4 19.85 -15.98 3.71
CA LEU A 4 18.62 -16.12 4.49
C LEU A 4 18.05 -17.52 4.37
N GLU A 5 17.57 -18.06 5.53
CA GLU A 5 16.96 -19.38 5.61
C GLU A 5 15.44 -19.27 5.67
N PRO A 6 14.71 -20.28 5.19
CA PRO A 6 13.24 -20.19 5.19
C PRO A 6 12.63 -20.07 6.58
N THR A 7 13.42 -20.20 7.64
CA THR A 7 12.96 -20.03 9.00
C THR A 7 13.05 -18.58 9.47
N GLN A 8 13.66 -17.72 8.67
CA GLN A 8 13.79 -16.32 8.97
C GLN A 8 12.75 -15.52 8.18
N LEU A 9 12.38 -14.36 8.72
CA LEU A 9 11.38 -13.50 8.08
C LEU A 9 11.77 -13.18 6.65
N GLY A 10 13.03 -12.77 6.44
CA GLY A 10 13.51 -12.44 5.11
C GLY A 10 13.53 -13.60 4.15
N GLY A 11 13.80 -14.81 4.66
CA GLY A 11 13.72 -15.99 3.82
C GLY A 11 12.31 -16.21 3.29
N LEU A 12 11.33 -16.18 4.19
CA LEU A 12 9.93 -16.33 3.79
C LEU A 12 9.51 -15.25 2.80
N VAL A 13 9.78 -13.98 3.11
CA VAL A 13 9.21 -12.96 2.22
C VAL A 13 9.98 -12.89 0.91
N THR A 14 11.29 -13.13 0.90
CA THR A 14 11.97 -13.12 -0.40
C THR A 14 11.53 -14.30 -1.26
N ASP A 15 11.21 -15.45 -0.66
CA ASP A 15 10.66 -16.56 -1.45
C ASP A 15 9.32 -16.17 -2.05
N GLN A 16 8.42 -15.61 -1.23
CA GLN A 16 7.16 -15.08 -1.74
C GLN A 16 7.38 -14.09 -2.88
N LEU A 17 8.24 -13.08 -2.65
CA LEU A 17 8.43 -12.07 -3.68
C LEU A 17 8.97 -12.70 -4.97
N ALA A 18 9.91 -13.65 -4.83
CA ALA A 18 10.48 -14.31 -6.01
C ALA A 18 9.39 -14.97 -6.84
N ARG A 19 8.47 -15.69 -6.19
CA ARG A 19 7.41 -16.34 -6.94
C ARG A 19 6.45 -15.31 -7.56
N LEU A 20 6.17 -14.22 -6.83
CA LEU A 20 5.37 -13.13 -7.39
C LEU A 20 6.07 -12.49 -8.59
N CYS A 21 7.38 -12.34 -8.54
CA CYS A 21 8.08 -11.80 -9.70
C CYS A 21 7.79 -12.62 -10.97
N ASP A 22 7.68 -13.94 -10.82
CA ASP A 22 7.37 -14.78 -11.98
C ASP A 22 5.96 -14.50 -12.52
N VAL A 23 4.96 -14.44 -11.63
CA VAL A 23 3.62 -14.05 -12.05
C VAL A 23 3.67 -12.72 -12.81
N ALA A 24 4.44 -11.76 -12.28
CA ALA A 24 4.55 -10.47 -12.93
C ALA A 24 5.39 -10.52 -14.20
N ARG A 25 6.02 -11.67 -14.48
CA ARG A 25 6.79 -11.86 -15.71
C ARG A 25 8.06 -11.00 -15.74
N LEU A 26 8.72 -10.86 -14.59
CA LEU A 26 10.01 -10.20 -14.53
C LEU A 26 11.10 -11.24 -14.77
N ASP A 27 12.17 -10.84 -15.46
CA ASP A 27 13.21 -11.80 -15.78
C ASP A 27 14.02 -12.14 -14.51
N ARG A 28 14.96 -13.08 -14.67
CA ARG A 28 15.74 -13.54 -13.52
C ARG A 28 16.56 -12.42 -12.91
N THR A 29 17.12 -11.55 -13.75
CA THR A 29 17.95 -10.48 -13.22
C THR A 29 17.13 -9.53 -12.35
N ASP A 30 16.04 -9.00 -12.91
CA ASP A 30 15.18 -8.11 -12.15
C ASP A 30 14.65 -8.79 -10.90
N THR A 31 14.31 -10.08 -10.99
CA THR A 31 13.86 -10.80 -9.81
C THR A 31 14.94 -10.82 -8.74
N GLU A 32 16.17 -11.16 -9.12
CA GLU A 32 17.26 -11.17 -8.14
C GLU A 32 17.46 -9.77 -7.56
N THR A 33 17.47 -8.75 -8.42
CA THR A 33 17.65 -7.38 -7.94
C THR A 33 16.58 -7.03 -6.90
N TYR A 34 15.33 -7.40 -7.16
CA TYR A 34 14.25 -6.96 -6.29
C TYR A 34 14.13 -7.81 -5.01
N VAL A 35 14.44 -9.11 -5.05
CA VAL A 35 14.41 -9.83 -3.78
C VAL A 35 15.54 -9.32 -2.88
N GLN A 36 16.71 -9.04 -3.45
CA GLN A 36 17.79 -8.46 -2.66
C GLN A 36 17.38 -7.10 -2.11
N THR A 37 16.75 -6.27 -2.93
CA THR A 37 16.27 -4.98 -2.46
C THR A 37 15.28 -5.13 -1.30
N LEU A 38 14.37 -6.09 -1.38
CA LEU A 38 13.46 -6.29 -0.26
C LEU A 38 14.21 -6.74 0.98
N ALA A 39 15.13 -7.70 0.82
CA ALA A 39 15.88 -8.14 2.00
C ALA A 39 16.63 -6.97 2.64
N THR A 40 17.33 -6.19 1.83
CA THR A 40 18.08 -5.04 2.33
C THR A 40 17.17 -4.03 3.01
N SER A 41 15.98 -3.81 2.43
CA SER A 41 15.10 -2.78 2.97
C SER A 41 14.57 -3.16 4.35
N LEU A 42 14.53 -4.44 4.69
CA LEU A 42 14.09 -4.87 6.02
C LEU A 42 15.16 -4.73 7.10
N GLY A 43 16.39 -4.43 6.72
CA GLY A 43 17.43 -4.25 7.73
C GLY A 43 17.63 -5.52 8.54
N THR A 44 17.85 -5.36 9.84
CA THR A 44 18.04 -6.54 10.68
C THR A 44 16.80 -7.41 10.75
N ALA A 45 15.62 -6.88 10.37
CA ALA A 45 14.43 -7.72 10.37
C ALA A 45 14.60 -8.96 9.51
N ALA A 46 15.41 -8.86 8.45
CA ALA A 46 15.49 -9.94 7.46
C ALA A 46 16.00 -11.23 8.08
N GLU A 47 16.91 -11.15 9.05
CA GLU A 47 17.44 -12.35 9.66
C GLU A 47 16.71 -12.75 10.93
N ARG A 48 15.61 -12.08 11.28
CA ARG A 48 14.90 -12.45 12.49
C ARG A 48 14.25 -13.81 12.34
N SER A 49 14.41 -14.67 13.35
CA SER A 49 13.71 -15.95 13.33
C SER A 49 12.21 -15.75 13.36
N LEU A 50 11.50 -16.51 12.51
CA LEU A 50 10.04 -16.45 12.52
C LEU A 50 9.44 -17.05 13.78
N ALA A 51 10.21 -17.78 14.57
CA ALA A 51 9.71 -18.26 15.85
C ALA A 51 9.51 -17.13 16.85
N LEU A 52 10.20 -16.03 16.69
CA LEU A 52 10.04 -14.92 17.61
C LEU A 52 8.78 -14.11 17.25
N PRO A 53 8.18 -13.43 18.22
CA PRO A 53 7.05 -12.56 17.90
C PRO A 53 7.49 -11.41 17.01
N PRO A 54 6.57 -10.84 16.24
CA PRO A 54 6.95 -9.66 15.43
C PRO A 54 7.53 -8.59 16.35
N THR A 55 8.60 -7.93 15.90
CA THR A 55 9.21 -6.92 16.76
C THR A 55 8.24 -5.79 17.06
N THR A 56 7.46 -5.39 16.07
CA THR A 56 6.52 -4.28 16.19
C THR A 56 5.14 -4.77 15.75
N ALA A 57 4.12 -4.42 16.53
CA ALA A 57 2.72 -4.76 16.23
C ALA A 57 2.17 -3.80 15.18
N THR A 58 2.82 -3.81 14.02
CA THR A 58 2.56 -2.77 13.04
C THR A 58 1.14 -2.86 12.47
N LEU A 59 0.62 -1.70 12.12
CA LEU A 59 -0.62 -1.63 11.38
C LEU A 59 -0.47 -2.05 9.92
N LEU A 60 0.76 -2.25 9.45
CA LEU A 60 1.01 -2.52 8.04
C LEU A 60 0.22 -3.74 7.59
N SER A 61 0.20 -4.79 8.40
CA SER A 61 -0.61 -5.95 8.09
C SER A 61 -1.22 -6.47 9.38
N ASP A 62 -2.31 -7.24 9.25
CA ASP A 62 -3.06 -7.69 10.42
C ASP A 62 -2.24 -8.60 11.33
N ASP A 63 -1.37 -9.44 10.76
CA ASP A 63 -0.54 -10.28 11.61
C ASP A 63 0.82 -9.65 11.90
N HIS A 64 1.01 -8.37 11.53
CA HIS A 64 2.17 -7.56 11.89
C HIS A 64 3.45 -7.93 11.11
N THR A 65 3.30 -8.63 9.98
CA THR A 65 4.41 -8.77 9.04
C THR A 65 4.70 -7.40 8.45
N PRO A 66 5.96 -6.95 8.40
CA PRO A 66 6.25 -5.61 7.86
C PRO A 66 6.35 -5.58 6.34
N VAL A 67 5.61 -6.47 5.68
CA VAL A 67 5.63 -6.60 4.23
C VAL A 67 4.20 -6.84 3.77
N GLU A 68 3.82 -6.23 2.64
CA GLU A 68 2.55 -6.60 2.01
C GLU A 68 2.69 -6.39 0.51
N TYR A 69 2.07 -7.29 -0.26
CA TYR A 69 2.21 -7.24 -1.72
C TYR A 69 0.95 -6.66 -2.34
N SER A 70 1.11 -6.06 -3.52
CA SER A 70 -0.07 -5.70 -4.29
C SER A 70 0.19 -5.91 -5.77
N LEU A 71 -0.89 -6.19 -6.47
CA LEU A 71 -0.85 -6.44 -7.90
C LEU A 71 -1.80 -5.46 -8.55
N ALA A 72 -1.30 -4.68 -9.49
CA ALA A 72 -2.08 -3.64 -10.16
C ALA A 72 -2.46 -4.15 -11.55
N PHE A 73 -3.75 -4.36 -11.77
CA PHE A 73 -4.25 -4.93 -13.02
C PHE A 73 -4.82 -3.81 -13.89
N LEU A 74 -4.24 -3.65 -15.15
CA LEU A 74 -4.83 -2.84 -16.22
C LEU A 74 -5.46 -3.75 -17.26
N PRO A 75 -6.47 -3.30 -18.00
CA PRO A 75 -7.14 -4.20 -18.94
C PRO A 75 -6.17 -4.71 -20.00
N GLY A 76 -6.23 -6.01 -20.25
CA GLY A 76 -5.43 -6.64 -21.28
C GLY A 76 -3.97 -6.84 -20.96
N ALA A 77 -3.54 -6.64 -19.70
CA ALA A 77 -2.12 -6.64 -19.41
C ALA A 77 -1.79 -7.55 -18.24
N THR A 78 -0.56 -8.06 -18.23
CA THR A 78 -0.03 -8.71 -17.06
C THR A 78 -0.02 -7.74 -15.88
N PRO A 79 -0.32 -8.18 -14.67
CA PRO A 79 -0.32 -7.24 -13.53
C PRO A 79 1.07 -6.73 -13.20
N ALA A 80 1.12 -5.48 -12.76
CA ALA A 80 2.35 -4.91 -12.23
C ALA A 80 2.45 -5.23 -10.74
N LEU A 81 3.67 -5.54 -10.29
CA LEU A 81 3.90 -5.99 -8.92
C LEU A 81 4.52 -4.87 -8.08
N ARG A 82 3.99 -4.65 -6.87
CA ARG A 82 4.53 -3.71 -5.91
C ARG A 82 4.64 -4.38 -4.54
N VAL A 83 5.53 -3.86 -3.70
CA VAL A 83 5.66 -4.35 -2.34
C VAL A 83 5.77 -3.15 -1.39
N LEU A 84 5.02 -3.23 -0.30
CA LEU A 84 5.01 -2.25 0.79
C LEU A 84 5.85 -2.81 1.93
N VAL A 85 6.78 -2.00 2.45
CA VAL A 85 7.67 -2.47 3.53
C VAL A 85 7.79 -1.40 4.61
N GLU A 86 8.02 -1.84 5.85
CA GLU A 86 8.29 -0.92 6.96
C GLU A 86 9.77 -1.05 7.33
N PRO A 87 10.64 -0.17 6.82
CA PRO A 87 12.09 -0.42 7.00
C PRO A 87 12.54 -0.34 8.45
N GLY A 88 11.87 0.46 9.28
CA GLY A 88 12.22 0.56 10.69
C GLY A 88 11.54 -0.41 11.62
N TRP A 89 10.87 -1.45 11.10
CA TRP A 89 10.08 -2.35 11.94
C TRP A 89 10.90 -3.01 13.05
N ASP A 90 12.15 -3.36 12.78
CA ASP A 90 12.93 -4.06 13.80
C ASP A 90 13.57 -3.09 14.79
N SER A 91 12.75 -2.23 15.39
CA SER A 91 13.21 -1.18 16.29
C SER A 91 12.29 -1.17 17.50
N GLY A 92 12.72 -0.45 18.54
CA GLY A 92 12.07 -0.55 19.84
C GLY A 92 10.94 0.41 20.07
N ASP A 93 10.93 1.53 19.34
CA ASP A 93 9.86 2.51 19.52
C ASP A 93 9.67 3.28 18.22
N LEU A 94 8.61 4.10 18.19
CA LEU A 94 8.22 4.79 16.97
C LEU A 94 9.30 5.77 16.51
N ALA A 95 9.96 6.47 17.44
CA ALA A 95 11.02 7.39 17.01
C ALA A 95 12.13 6.66 16.25
N GLU A 96 12.61 5.53 16.79
CA GLU A 96 13.70 4.83 16.10
C GLU A 96 13.22 4.21 14.79
N ASN A 97 12.00 3.66 14.82
CA ASN A 97 11.35 3.15 13.63
C ASN A 97 11.41 4.19 12.52
N GLY A 98 11.00 5.42 12.83
CA GLY A 98 11.01 6.48 11.83
C GLY A 98 12.42 6.89 11.39
N ARG A 99 13.36 7.01 12.36
CA ARG A 99 14.75 7.26 11.99
C ARG A 99 15.25 6.22 11.00
N ALA A 100 14.95 4.94 11.27
CA ALA A 100 15.46 3.89 10.39
C ALA A 100 14.74 3.88 9.02
N GLY A 101 13.43 4.15 9.01
CA GLY A 101 12.72 4.30 7.73
C GLY A 101 13.31 5.42 6.88
N LEU A 102 13.55 6.57 7.49
CA LEU A 102 14.15 7.67 6.73
C LEU A 102 15.53 7.28 6.23
N ARG A 103 16.29 6.55 7.06
CA ARG A 103 17.62 6.13 6.62
C ARG A 103 17.51 5.22 5.40
N ALA A 104 16.52 4.31 5.40
CA ALA A 104 16.30 3.46 4.23
C ALA A 104 15.94 4.29 2.99
N ILE A 105 15.07 5.28 3.13
CA ILE A 105 14.70 6.11 1.98
C ILE A 105 15.94 6.81 1.42
N ARG A 106 16.77 7.40 2.29
CA ARG A 106 17.97 8.10 1.83
C ARG A 106 18.90 7.16 1.07
N ALA A 107 19.05 5.92 1.53
CA ALA A 107 19.90 4.98 0.79
C ALA A 107 19.32 4.68 -0.59
N MET A 108 17.99 4.53 -0.65
CA MET A 108 17.31 4.36 -1.93
C MET A 108 17.49 5.59 -2.82
N ALA A 109 17.36 6.78 -2.26
CA ALA A 109 17.59 7.97 -3.05
C ALA A 109 19.01 7.99 -3.62
N ASP A 110 19.98 7.56 -2.82
N ASP A 110 20.00 7.63 -2.80
CA ASP A 110 21.37 7.56 -3.27
CA ASP A 110 21.37 7.56 -3.30
C ASP A 110 21.62 6.51 -4.35
C ASP A 110 21.50 6.55 -4.42
N ARG A 111 21.04 5.32 -4.19
CA ARG A 111 21.23 4.25 -5.15
C ARG A 111 20.54 4.53 -6.49
N TRP A 112 19.38 5.17 -6.47
CA TRP A 112 18.57 5.34 -7.66
C TRP A 112 18.51 6.80 -8.11
N ASN A 113 19.25 7.68 -7.44
CA ASN A 113 19.49 9.04 -7.95
C ASN A 113 18.23 9.88 -8.01
N PHE A 114 17.53 10.03 -6.88
CA PHE A 114 16.45 10.99 -6.79
C PHE A 114 16.60 11.79 -5.51
N SER A 115 15.92 12.93 -5.47
CA SER A 115 16.06 13.86 -4.36
C SER A 115 15.03 13.56 -3.27
N THR A 116 15.43 13.78 -2.02
CA THR A 116 14.54 13.73 -0.86
C THR A 116 14.12 15.12 -0.40
N ASP A 117 14.39 16.14 -1.21
CA ASP A 117 14.12 17.52 -0.82
C ASP A 117 12.65 17.73 -0.45
N GLN A 118 11.73 17.14 -1.22
CA GLN A 118 10.32 17.32 -0.93
C GLN A 118 9.93 16.56 0.34
N LEU A 119 10.54 15.41 0.59
CA LEU A 119 10.37 14.74 1.88
C LEU A 119 10.99 15.53 3.03
N ASP A 120 12.23 15.99 2.84
CA ASP A 120 12.93 16.75 3.89
C ASP A 120 12.12 17.94 4.35
N LEU A 121 11.34 18.52 3.45
CA LEU A 121 10.53 19.69 3.75
C LEU A 121 9.50 19.41 4.86
N LEU A 122 9.14 18.14 5.08
CA LEU A 122 8.02 17.74 5.92
C LEU A 122 8.47 17.09 7.22
N GLU A 123 9.77 17.03 7.47
CA GLU A 123 10.30 16.13 8.50
C GLU A 123 9.80 16.49 9.89
N ASP A 124 9.73 17.77 10.22
CA ASP A 124 9.25 18.17 11.54
C ASP A 124 7.77 17.86 11.73
N LEU A 125 7.00 17.74 10.64
CA LEU A 125 5.58 17.44 10.73
C LEU A 125 5.34 15.97 11.05
N PHE A 126 6.17 15.08 10.50
CA PHE A 126 5.84 13.66 10.50
C PHE A 126 6.77 12.85 11.38
N PHE A 127 7.87 13.45 11.85
CA PHE A 127 8.87 12.80 12.71
C PHE A 127 9.19 13.70 13.89
N PRO A 128 8.22 14.00 14.72
CA PRO A 128 8.48 14.77 15.95
C PRO A 128 9.28 13.96 16.97
N VAL A 129 9.64 14.59 18.09
CA VAL A 129 10.56 13.92 19.01
C VAL A 129 9.88 12.73 19.69
N ALA A 130 8.60 12.87 20.03
CA ALA A 130 7.86 11.82 20.75
C ALA A 130 6.64 11.44 19.92
N PRO A 131 6.83 10.73 18.81
CA PRO A 131 5.75 10.57 17.83
C PRO A 131 4.61 9.72 18.38
N ALA A 132 3.40 10.07 17.98
CA ALA A 132 2.23 9.26 18.25
C ALA A 132 2.04 8.22 17.14
N GLY A 133 1.24 7.19 17.44
CA GLY A 133 0.99 6.14 16.50
C GLY A 133 0.10 6.60 15.36
N PRO A 134 -0.29 5.64 14.49
CA PRO A 134 0.05 4.22 14.61
C PRO A 134 1.28 3.70 13.82
N PHE A 135 1.93 4.52 13.00
CA PHE A 135 3.15 4.09 12.30
C PHE A 135 4.01 5.32 12.08
N ALA A 136 5.24 5.11 11.61
CA ALA A 136 6.11 6.25 11.31
C ALA A 136 6.43 6.40 9.82
N LEU A 137 6.83 5.32 9.14
CA LEU A 137 7.17 5.40 7.73
C LEU A 137 7.02 4.05 7.07
N TRP A 138 6.27 4.00 5.96
CA TRP A 138 6.31 2.87 5.05
C TRP A 138 6.79 3.33 3.67
N CYS A 139 7.29 2.35 2.91
CA CYS A 139 7.78 2.54 1.56
C CYS A 139 7.13 1.51 0.65
N ALA A 140 6.60 1.96 -0.49
CA ALA A 140 6.10 1.05 -1.51
C ALA A 140 7.07 1.10 -2.68
N LEU A 141 7.47 -0.07 -3.18
CA LEU A 141 8.33 -0.18 -4.34
C LEU A 141 7.52 -0.79 -5.48
N GLU A 142 7.40 -0.06 -6.58
CA GLU A 142 6.83 -0.63 -7.80
C GLU A 142 7.94 -1.37 -8.54
N LEU A 143 7.79 -2.69 -8.71
CA LEU A 143 8.87 -3.52 -9.25
C LEU A 143 8.83 -3.50 -10.77
N ARG A 144 9.41 -2.45 -11.35
CA ARG A 144 9.33 -2.20 -12.79
C ARG A 144 10.41 -3.01 -13.53
N PRO A 145 10.12 -3.45 -14.76
CA PRO A 145 11.18 -4.04 -15.59
C PRO A 145 12.38 -3.09 -15.65
N GLY A 146 13.58 -3.65 -15.62
CA GLY A 146 14.79 -2.89 -15.61
C GLY A 146 15.50 -2.82 -14.27
N GLY A 147 14.82 -3.19 -13.18
CA GLY A 147 15.44 -3.24 -11.88
C GLY A 147 15.53 -1.94 -11.13
N VAL A 148 15.13 -0.82 -11.72
CA VAL A 148 15.01 0.45 -11.00
C VAL A 148 13.55 0.64 -10.61
N PRO A 149 13.18 0.53 -9.33
CA PRO A 149 11.76 0.56 -8.95
C PRO A 149 11.25 1.99 -8.85
N GLY A 150 9.93 2.14 -8.94
CA GLY A 150 9.31 3.36 -8.46
C GLY A 150 9.20 3.32 -6.95
N VAL A 151 9.39 4.49 -6.32
CA VAL A 151 9.40 4.58 -4.86
C VAL A 151 8.33 5.57 -4.42
N LYS A 152 7.58 5.19 -3.40
CA LYS A 152 6.60 6.05 -2.75
C LYS A 152 6.81 5.93 -1.26
N VAL A 153 6.59 7.02 -0.52
CA VAL A 153 6.77 6.99 0.92
C VAL A 153 5.44 7.37 1.56
N TYR A 154 5.08 6.66 2.62
CA TYR A 154 3.82 6.86 3.34
C TYR A 154 4.10 7.47 4.70
N LEU A 155 3.35 8.53 5.06
CA LEU A 155 3.62 9.29 6.29
C LEU A 155 2.33 9.40 7.12
N ASN A 156 2.48 9.60 8.43
CA ASN A 156 1.36 9.53 9.36
C ASN A 156 0.87 10.92 9.77
N PRO A 157 -0.29 11.40 9.28
CA PRO A 157 -0.80 12.70 9.73
C PRO A 157 -1.06 12.79 11.22
N ALA A 158 -1.23 11.66 11.92
CA ALA A 158 -1.44 11.68 13.38
C ALA A 158 -0.13 11.72 14.18
N ALA A 159 1.03 11.93 13.53
CA ALA A 159 2.32 11.79 14.21
C ALA A 159 2.47 12.75 15.40
N ARG A 160 1.86 13.92 15.34
CA ARG A 160 1.92 14.88 16.43
C ARG A 160 0.67 14.83 17.31
N GLY A 161 -0.08 13.75 17.24
CA GLY A 161 -1.27 13.61 18.06
C GLY A 161 -2.53 13.60 17.21
N ARG A 162 -3.54 12.86 17.69
CA ARG A 162 -4.76 12.72 16.91
C ARG A 162 -5.43 14.07 16.70
N ASP A 163 -5.34 14.96 17.70
CA ASP A 163 -5.98 16.27 17.58
C ASP A 163 -5.35 17.15 16.52
N ARG A 164 -4.13 16.83 16.10
CA ARG A 164 -3.43 17.62 15.08
C ARG A 164 -3.41 16.93 13.71
N ARG A 165 -4.26 15.92 13.48
CA ARG A 165 -4.26 15.22 12.19
C ARG A 165 -4.53 16.18 11.03
N ALA A 166 -5.60 16.98 11.13
CA ALA A 166 -5.94 17.89 10.04
C ALA A 166 -4.92 19.00 9.93
N GLU A 167 -4.52 19.56 11.06
CA GLU A 167 -3.55 20.63 11.05
C GLU A 167 -2.25 20.18 10.40
N THR A 168 -1.81 18.95 10.71
CA THR A 168 -0.57 18.44 10.13
C THR A 168 -0.71 18.18 8.63
N LEU A 169 -1.82 17.57 8.21
CA LEU A 169 -2.05 17.34 6.79
C LEU A 169 -2.10 18.67 6.03
N ARG A 170 -2.82 19.64 6.58
CA ARG A 170 -2.96 20.93 5.90
C ARG A 170 -1.62 21.63 5.75
N GLU A 171 -0.80 21.61 6.81
CA GLU A 171 0.52 22.23 6.74
C GLU A 171 1.41 21.53 5.74
N ALA A 172 1.37 20.20 5.67
CA ALA A 172 2.16 19.47 4.68
C ALA A 172 1.74 19.84 3.26
N LEU A 173 0.44 19.82 2.98
CA LEU A 173 -0.03 20.18 1.65
C LEU A 173 0.39 21.60 1.29
N ASP A 174 0.24 22.54 2.23
CA ASP A 174 0.69 23.91 2.00
C ASP A 174 2.16 23.95 1.63
N ARG A 175 3.02 23.31 2.44
CA ARG A 175 4.47 23.34 2.18
C ARG A 175 4.82 22.77 0.82
N LEU A 176 4.07 21.76 0.36
CA LEU A 176 4.28 21.15 -0.94
C LEU A 176 3.69 21.98 -2.08
N GLY A 177 3.06 23.12 -1.77
CA GLY A 177 2.45 23.93 -2.80
C GLY A 177 1.00 23.59 -3.13
N HIS A 178 0.45 22.53 -2.54
CA HIS A 178 -0.93 22.13 -2.82
C HIS A 178 -1.86 22.84 -1.86
N ARG A 179 -1.95 24.17 -2.02
CA ARG A 179 -2.66 25.00 -1.07
C ARG A 179 -4.18 24.91 -1.21
N GLN A 180 -4.69 24.34 -2.30
CA GLN A 180 -6.12 24.17 -2.48
C GLN A 180 -6.57 22.73 -2.41
N ALA A 181 -5.63 21.79 -2.25
CA ALA A 181 -6.01 20.38 -2.36
C ALA A 181 -6.90 19.94 -1.19
N PHE A 182 -6.63 20.45 0.02
CA PHE A 182 -7.42 20.02 1.17
C PHE A 182 -8.90 20.30 0.95
N ALA A 183 -9.22 21.44 0.34
CA ALA A 183 -10.61 21.77 0.04
C ALA A 183 -11.29 20.78 -0.89
N ALA A 184 -10.53 19.96 -1.64
CA ALA A 184 -11.10 18.98 -2.54
C ALA A 184 -11.42 17.65 -1.88
N LEU A 185 -11.01 17.46 -0.62
CA LEU A 185 -11.21 16.16 0.00
C LEU A 185 -12.63 16.03 0.50
N PRO A 186 -13.22 14.83 0.42
CA PRO A 186 -14.55 14.61 0.97
C PRO A 186 -14.55 14.66 2.48
N PRO A 187 -15.73 14.70 3.12
CA PRO A 187 -15.80 14.50 4.57
C PRO A 187 -15.18 13.17 4.91
N ALA A 188 -14.58 13.10 6.10
CA ALA A 188 -13.91 11.86 6.46
C ALA A 188 -13.95 11.64 7.97
N ASP A 189 -13.70 10.39 8.35
CA ASP A 189 -13.52 10.02 9.75
C ASP A 189 -12.07 9.94 10.17
N ASP A 190 -11.12 9.86 9.22
CA ASP A 190 -9.70 9.86 9.57
C ASP A 190 -8.94 10.29 8.33
N TYR A 191 -7.73 10.80 8.55
CA TYR A 191 -6.74 11.04 7.50
C TYR A 191 -5.58 10.11 7.81
N PRO A 192 -5.68 8.81 7.50
CA PRO A 192 -4.69 7.86 8.01
C PRO A 192 -3.33 7.95 7.35
N PHE A 193 -3.25 8.40 6.09
CA PHE A 193 -2.00 8.31 5.36
C PHE A 193 -1.84 9.50 4.43
N LEU A 194 -0.60 9.94 4.30
CA LEU A 194 -0.16 10.83 3.24
C LEU A 194 0.95 10.10 2.49
N ALA A 195 0.81 9.99 1.17
CA ALA A 195 1.80 9.33 0.33
C ALA A 195 2.43 10.37 -0.59
N LEU A 196 3.76 10.34 -0.69
CA LEU A 196 4.51 11.21 -1.58
C LEU A 196 5.29 10.36 -2.58
N ASP A 197 5.15 10.69 -3.86
CA ASP A 197 5.97 10.09 -4.92
C ASP A 197 7.39 10.61 -4.84
N LEU A 198 8.37 9.71 -4.87
CA LEU A 198 9.77 10.07 -4.90
C LEU A 198 10.33 9.63 -6.27
N GLY A 199 11.13 10.48 -6.88
CA GLY A 199 11.57 10.17 -8.24
C GLY A 199 11.90 11.44 -8.99
N GLU A 200 11.72 11.39 -10.31
CA GLU A 200 12.04 12.52 -11.20
C GLU A 200 10.79 13.37 -11.36
N TRP A 201 10.50 14.16 -10.33
CA TRP A 201 9.37 15.07 -10.36
C TRP A 201 9.77 16.42 -9.78
N ALA A 202 9.71 17.46 -10.60
CA ALA A 202 10.11 18.81 -10.21
C ALA A 202 9.02 19.55 -9.43
N ALA A 203 7.85 18.94 -9.26
CA ALA A 203 6.79 19.43 -8.38
C ALA A 203 6.22 18.24 -7.63
N PRO A 204 5.80 18.42 -6.37
CA PRO A 204 5.40 17.26 -5.56
C PRO A 204 4.09 16.66 -6.06
N ARG A 205 4.03 15.33 -6.02
CA ARG A 205 2.83 14.57 -6.34
C ARG A 205 2.44 13.83 -5.07
N VAL A 206 1.20 14.02 -4.62
CA VAL A 206 0.78 13.55 -3.30
C VAL A 206 -0.54 12.78 -3.40
N LYS A 207 -0.70 11.83 -2.48
CA LYS A 207 -1.93 11.06 -2.36
C LYS A 207 -2.42 11.20 -0.91
N VAL A 208 -3.66 11.66 -0.75
CA VAL A 208 -4.26 11.88 0.56
C VAL A 208 -5.33 10.82 0.75
N TYR A 209 -5.22 10.06 1.83
CA TYR A 209 -6.17 9.01 2.15
C TYR A 209 -7.18 9.49 3.17
N CYS A 210 -8.43 9.07 3.00
CA CYS A 210 -9.52 9.40 3.89
C CYS A 210 -10.23 8.12 4.31
N THR A 211 -10.39 7.92 5.61
CA THR A 211 -11.19 6.80 6.10
C THR A 211 -12.66 7.17 6.18
N HIS A 212 -13.54 6.27 5.72
CA HIS A 212 -14.98 6.46 5.85
C HIS A 212 -15.52 5.25 6.60
N GLU A 213 -15.90 5.43 7.88
CA GLU A 213 -16.39 4.31 8.67
C GLU A 213 -17.69 3.71 8.11
N SER A 214 -18.55 4.53 7.52
CA SER A 214 -19.89 4.09 7.08
C SER A 214 -20.18 4.65 5.68
N LEU A 215 -19.39 4.19 4.71
CA LEU A 215 -19.53 4.67 3.35
C LEU A 215 -20.62 3.88 2.64
N SER A 216 -21.47 4.59 1.91
CA SER A 216 -22.49 3.96 1.10
C SER A 216 -22.02 3.88 -0.35
N ALA A 217 -22.64 2.99 -1.10
CA ALA A 217 -22.39 2.92 -2.54
C ALA A 217 -22.53 4.31 -3.19
N GLN A 218 -23.57 5.05 -2.81
CA GLN A 218 -23.85 6.31 -3.49
C GLN A 218 -22.81 7.37 -3.12
N GLU A 219 -22.44 7.45 -1.84
CA GLU A 219 -21.37 8.36 -1.43
C GLU A 219 -20.07 8.03 -2.16
N ALA A 220 -19.76 6.75 -2.29
CA ALA A 220 -18.58 6.36 -3.07
C ALA A 220 -18.65 6.93 -4.47
N GLY A 221 -19.81 6.83 -5.11
CA GLY A 221 -19.95 7.36 -6.45
C GLY A 221 -19.85 8.87 -6.49
N GLU A 222 -20.48 9.53 -5.52
CA GLU A 222 -20.37 10.99 -5.45
C GLU A 222 -18.92 11.42 -5.30
N TYR A 223 -18.20 10.82 -4.35
CA TYR A 223 -16.82 11.24 -4.08
C TYR A 223 -15.88 10.95 -5.24
N SER A 224 -16.29 10.10 -6.20
CA SER A 224 -15.36 9.73 -7.27
C SER A 224 -15.30 10.74 -8.40
N ARG A 225 -16.17 11.75 -8.42
CA ARG A 225 -16.16 12.76 -9.49
C ARG A 225 -14.83 13.51 -9.58
N GLY A 231 -18.09 7.40 -14.72
CA GLY A 231 -17.23 7.04 -13.60
C GLY A 231 -17.95 6.70 -12.29
N ARG A 232 -19.14 7.30 -12.09
CA ARG A 232 -19.88 7.04 -10.85
C ARG A 232 -20.50 5.65 -10.87
N ASP A 233 -21.09 5.25 -11.99
CA ASP A 233 -21.64 3.90 -12.11
C ASP A 233 -20.57 2.85 -11.83
N GLN A 234 -19.42 2.95 -12.50
CA GLN A 234 -18.29 2.07 -12.23
C GLN A 234 -17.99 1.99 -10.73
N THR A 235 -17.97 3.12 -10.04
CA THR A 235 -17.56 3.09 -8.65
C THR A 235 -18.64 2.44 -7.76
N THR A 236 -19.92 2.75 -8.02
CA THR A 236 -20.98 2.11 -7.26
C THR A 236 -21.07 0.61 -7.54
N ASP A 237 -20.89 0.19 -8.79
CA ASP A 237 -20.91 -1.24 -9.12
C ASP A 237 -19.78 -1.97 -8.43
N PHE A 238 -18.57 -1.38 -8.43
CA PHE A 238 -17.43 -1.97 -7.74
C PHE A 238 -17.71 -2.09 -6.24
N PHE A 239 -18.30 -1.06 -5.64
CA PHE A 239 -18.64 -1.08 -4.22
C PHE A 239 -19.53 -2.30 -3.89
N HIS A 240 -20.61 -2.47 -4.64
CA HIS A 240 -21.52 -3.58 -4.35
C HIS A 240 -20.80 -4.93 -4.49
N ALA A 241 -20.08 -5.11 -5.61
CA ALA A 241 -19.43 -6.39 -5.86
C ALA A 241 -18.45 -6.73 -4.76
N VAL A 242 -17.59 -5.79 -4.40
CA VAL A 242 -16.62 -6.08 -3.35
C VAL A 242 -17.32 -6.13 -2.00
N ALA A 243 -18.29 -5.23 -1.76
CA ALA A 243 -18.96 -5.24 -0.47
C ALA A 243 -19.80 -6.49 -0.27
N GLY A 244 -20.21 -7.13 -1.35
CA GLY A 244 -21.13 -8.26 -1.23
C GLY A 244 -22.54 -7.82 -0.90
N THR A 245 -22.97 -6.69 -1.46
CA THR A 245 -24.33 -6.18 -1.26
C THR A 245 -25.08 -6.06 -2.58
N PRO A 253 -26.49 -4.98 3.85
CA PRO A 253 -26.45 -3.67 4.52
C PRO A 253 -26.04 -2.58 3.52
N SER A 254 -26.22 -1.31 3.86
CA SER A 254 -25.97 -0.26 2.88
C SER A 254 -24.76 0.60 3.22
N THR A 255 -23.96 0.23 4.23
CA THR A 255 -22.73 0.96 4.50
C THR A 255 -21.60 0.00 4.84
N ARG A 256 -20.39 0.40 4.50
CA ARG A 256 -19.19 -0.39 4.78
C ARG A 256 -18.05 0.56 5.11
N ARG A 257 -17.12 0.08 5.92
CA ARG A 257 -15.88 0.80 6.11
C ARG A 257 -15.07 0.72 4.82
N ALA A 258 -14.62 1.86 4.33
CA ALA A 258 -13.79 1.90 3.14
C ALA A 258 -12.92 3.14 3.24
N LEU A 259 -11.90 3.21 2.39
CA LEU A 259 -11.05 4.39 2.34
C LEU A 259 -11.10 4.97 0.94
N THR A 260 -11.02 6.30 0.82
CA THR A 260 -10.80 6.89 -0.49
C THR A 260 -9.43 7.55 -0.51
N CYS A 261 -8.85 7.58 -1.70
CA CYS A 261 -7.53 8.12 -1.93
C CYS A 261 -7.68 9.15 -3.03
N HIS A 262 -7.07 10.31 -2.84
CA HIS A 262 -7.24 11.48 -3.70
C HIS A 262 -5.85 11.94 -4.09
N SER A 263 -5.56 11.85 -5.39
CA SER A 263 -4.22 12.07 -5.93
C SER A 263 -4.15 13.45 -6.53
N PHE A 264 -3.13 14.22 -6.16
CA PHE A 264 -2.91 15.54 -6.72
C PHE A 264 -1.56 15.56 -7.43
N THR A 265 -1.58 15.77 -8.74
CA THR A 265 -0.39 15.71 -9.56
C THR A 265 0.02 17.07 -10.10
N ASP A 266 -0.72 18.13 -9.76
CA ASP A 266 -0.37 19.49 -10.12
C ASP A 266 -0.79 20.41 -9.00
N THR A 267 -0.10 21.52 -8.86
CA THR A 267 -0.37 22.47 -7.79
C THR A 267 -1.26 23.63 -8.25
N VAL A 268 -1.76 23.58 -9.48
CA VAL A 268 -2.46 24.72 -10.06
C VAL A 268 -3.95 24.69 -9.75
N THR A 269 -4.67 23.60 -10.04
CA THR A 269 -6.13 23.71 -10.03
C THR A 269 -6.73 23.50 -8.65
N GLY A 270 -6.05 22.77 -7.77
CA GLY A 270 -6.67 22.33 -6.53
C GLY A 270 -7.56 21.12 -6.68
N ARG A 271 -7.76 20.63 -7.89
CA ARG A 271 -8.52 19.45 -8.24
C ARG A 271 -7.62 18.22 -8.27
N PRO A 272 -8.10 17.08 -7.78
CA PRO A 272 -7.31 15.84 -7.90
C PRO A 272 -7.33 15.33 -9.33
N SER A 273 -6.28 14.59 -9.68
CA SER A 273 -6.21 13.88 -10.94
C SER A 273 -6.54 12.40 -10.77
N GLY A 274 -6.59 11.90 -9.55
CA GLY A 274 -6.88 10.49 -9.34
C GLY A 274 -7.81 10.31 -8.17
N PHE A 275 -8.66 9.30 -8.29
CA PHE A 275 -9.51 8.82 -7.22
C PHE A 275 -9.35 7.31 -7.12
N THR A 276 -9.18 6.81 -5.89
CA THR A 276 -9.17 5.37 -5.63
C THR A 276 -10.14 5.06 -4.51
N LEU A 277 -10.99 4.05 -4.72
CA LEU A 277 -11.82 3.49 -3.66
C LEU A 277 -11.17 2.20 -3.19
N HIS A 278 -10.73 2.18 -1.93
CA HIS A 278 -10.03 1.06 -1.30
C HIS A 278 -11.01 0.32 -0.40
N MET A 279 -11.34 -0.95 -0.72
CA MET A 279 -12.30 -1.66 0.11
C MET A 279 -11.63 -2.82 0.83
N PRO A 280 -11.59 -2.79 2.16
CA PRO A 280 -10.98 -3.88 2.93
C PRO A 280 -11.85 -5.12 2.91
N VAL A 281 -11.83 -5.84 1.79
CA VAL A 281 -12.71 -6.99 1.59
C VAL A 281 -12.54 -8.01 2.71
N ARG A 282 -11.35 -8.07 3.32
CA ARG A 282 -11.13 -9.05 4.38
C ARG A 282 -12.05 -8.83 5.57
N SER A 283 -12.59 -7.62 5.74
CA SER A 283 -13.52 -7.31 6.81
C SER A 283 -14.96 -7.66 6.47
N TYR A 284 -15.23 -8.08 5.22
CA TYR A 284 -16.59 -8.36 4.78
C TYR A 284 -16.87 -9.84 4.52
N VAL A 285 -15.86 -10.67 4.31
CA VAL A 285 -16.07 -12.02 3.82
C VAL A 285 -15.85 -13.03 4.94
N GLU A 286 -16.42 -14.22 4.73
CA GLU A 286 -16.20 -15.34 5.65
C GLU A 286 -14.79 -15.88 5.53
N HIS A 287 -14.24 -15.92 4.32
CA HIS A 287 -12.91 -16.48 4.10
C HIS A 287 -12.41 -16.03 2.73
N ASP A 288 -11.14 -16.36 2.46
CA ASP A 288 -10.47 -15.85 1.27
C ASP A 288 -11.00 -16.45 -0.02
N GLY A 289 -11.70 -17.60 0.05
CA GLY A 289 -12.39 -18.08 -1.14
C GLY A 289 -13.42 -17.08 -1.63
N ARG A 290 -14.20 -16.50 -0.72
CA ARG A 290 -15.18 -15.49 -1.08
C ARG A 290 -14.50 -14.22 -1.54
N ALA A 291 -13.35 -13.88 -0.96
CA ALA A 291 -12.69 -12.64 -1.34
C ALA A 291 -12.04 -12.77 -2.71
N ARG A 292 -11.42 -13.92 -2.98
CA ARG A 292 -10.88 -14.14 -4.33
C ARG A 292 -12.00 -14.13 -5.36
N ASP A 293 -13.14 -14.73 -5.04
CA ASP A 293 -14.27 -14.75 -5.97
C ASP A 293 -14.70 -13.34 -6.35
N ARG A 294 -14.85 -12.45 -5.37
CA ARG A 294 -15.24 -11.09 -5.69
C ARG A 294 -14.15 -10.38 -6.49
N ALA A 295 -12.88 -10.52 -6.09
CA ALA A 295 -11.81 -9.90 -6.87
C ALA A 295 -11.77 -10.43 -8.28
N ALA A 296 -11.94 -11.75 -8.45
CA ALA A 296 -11.85 -12.32 -9.80
C ALA A 296 -12.99 -11.83 -10.68
N ASP A 297 -14.21 -11.72 -10.12
CA ASP A 297 -15.35 -11.20 -10.88
C ASP A 297 -15.11 -9.77 -11.35
N VAL A 298 -14.62 -8.91 -10.47
CA VAL A 298 -14.29 -7.54 -10.87
C VAL A 298 -13.24 -7.55 -11.98
N LEU A 299 -12.16 -8.32 -11.81
CA LEU A 299 -11.13 -8.34 -12.84
C LEU A 299 -11.71 -8.80 -14.18
N ARG A 300 -12.49 -9.87 -14.15
CA ARG A 300 -13.04 -10.40 -15.38
C ARG A 300 -13.94 -9.38 -16.07
N ARG A 301 -14.80 -8.71 -15.31
CA ARG A 301 -15.70 -7.73 -15.92
C ARG A 301 -14.96 -6.56 -16.56
N TYR A 302 -13.70 -6.31 -16.17
CA TYR A 302 -12.90 -5.25 -16.77
C TYR A 302 -11.95 -5.74 -17.85
N GLY A 303 -11.95 -7.03 -18.17
CA GLY A 303 -10.99 -7.50 -19.14
C GLY A 303 -9.58 -7.62 -18.60
N MET A 304 -9.44 -7.76 -17.28
CA MET A 304 -8.13 -7.86 -16.65
C MET A 304 -7.78 -9.31 -16.40
N ASP A 305 -6.55 -9.52 -15.94
CA ASP A 305 -5.91 -10.84 -15.95
C ASP A 305 -6.33 -11.62 -14.70
N ASN A 306 -7.56 -12.14 -14.71
CA ASN A 306 -8.01 -12.82 -13.50
C ASN A 306 -7.26 -14.12 -13.26
N ASP A 307 -6.75 -14.77 -14.30
CA ASP A 307 -5.92 -15.97 -14.06
C ASP A 307 -4.65 -15.63 -13.29
N ALA A 308 -4.08 -14.45 -13.53
CA ALA A 308 -2.85 -14.09 -12.82
C ALA A 308 -3.11 -13.85 -11.32
N LEU A 309 -4.30 -13.34 -10.98
CA LEU A 309 -4.69 -13.23 -9.58
C LEU A 309 -4.59 -14.57 -8.86
N ASP A 310 -5.11 -15.63 -9.47
CA ASP A 310 -5.05 -16.95 -8.85
C ASP A 310 -3.60 -17.41 -8.70
N ARG A 311 -2.80 -17.24 -9.74
CA ARG A 311 -1.41 -17.65 -9.65
C ARG A 311 -0.66 -16.84 -8.60
N ALA A 312 -1.04 -15.57 -8.42
CA ALA A 312 -0.36 -14.76 -7.42
C ALA A 312 -0.72 -15.22 -6.01
N LEU A 313 -1.97 -15.61 -5.78
CA LEU A 313 -2.33 -16.06 -4.45
C LEU A 313 -1.59 -17.35 -4.10
N ALA A 314 -1.49 -18.27 -5.06
CA ALA A 314 -0.72 -19.50 -4.86
C ALA A 314 0.77 -19.22 -4.73
N ALA A 315 1.27 -18.18 -5.38
CA ALA A 315 2.68 -17.81 -5.20
C ALA A 315 2.98 -17.38 -3.78
N VAL A 316 1.98 -16.83 -3.08
CA VAL A 316 2.20 -16.33 -1.72
C VAL A 316 2.05 -17.44 -0.70
N THR A 317 1.02 -18.28 -0.83
CA THR A 317 0.82 -19.35 0.16
C THR A 317 0.18 -20.54 -0.54
N PRO A 318 0.60 -21.76 -0.21
CA PRO A 318 -0.10 -22.95 -0.73
C PRO A 318 -1.39 -23.27 -0.02
N ARG A 319 -1.74 -22.57 1.06
CA ARG A 319 -2.90 -22.99 1.83
C ARG A 319 -4.18 -22.89 0.99
N PRO A 320 -5.20 -23.67 1.35
CA PRO A 320 -6.52 -23.46 0.78
C PRO A 320 -7.07 -22.10 1.18
N LEU A 321 -7.75 -21.46 0.22
CA LEU A 321 -8.29 -20.14 0.47
C LEU A 321 -9.33 -20.16 1.58
N ASP A 322 -10.14 -21.21 1.64
CA ASP A 322 -11.21 -21.24 2.63
C ASP A 322 -10.70 -21.51 4.03
N ASP A 323 -9.41 -21.80 4.20
CA ASP A 323 -8.88 -22.09 5.53
C ASP A 323 -8.57 -20.85 6.35
N GLY A 324 -8.76 -19.65 5.79
CA GLY A 324 -8.58 -18.45 6.56
C GLY A 324 -9.13 -17.26 5.79
N VAL A 325 -9.05 -16.09 6.43
CA VAL A 325 -9.47 -14.83 5.82
C VAL A 325 -8.32 -13.83 6.00
N GLY A 326 -8.25 -12.86 5.10
CA GLY A 326 -7.26 -11.80 5.19
C GLY A 326 -6.08 -11.94 4.26
N LEU A 327 -5.99 -13.03 3.50
CA LEU A 327 -4.94 -13.09 2.49
C LEU A 327 -5.17 -12.05 1.41
N VAL A 328 -6.40 -11.95 0.93
CA VAL A 328 -6.84 -10.83 0.09
C VAL A 328 -7.21 -9.69 1.04
N ALA A 329 -6.28 -8.75 1.23
CA ALA A 329 -6.52 -7.74 2.26
C ALA A 329 -7.43 -6.62 1.76
N TYR A 330 -7.20 -6.17 0.53
CA TYR A 330 -7.93 -5.07 -0.06
C TYR A 330 -8.11 -5.30 -1.55
N VAL A 331 -9.17 -4.73 -2.10
CA VAL A 331 -9.37 -4.58 -3.52
C VAL A 331 -9.68 -3.11 -3.75
N ALA A 332 -9.02 -2.50 -4.73
CA ALA A 332 -9.16 -1.08 -4.94
C ALA A 332 -9.43 -0.83 -6.42
N LEU A 333 -10.31 0.14 -6.68
CA LEU A 333 -10.59 0.64 -8.01
C LEU A 333 -9.91 1.99 -8.16
N VAL A 334 -9.03 2.11 -9.16
CA VAL A 334 -8.22 3.31 -9.38
C VAL A 334 -8.68 4.00 -10.65
N HIS A 335 -9.12 5.25 -10.52
CA HIS A 335 -9.43 6.10 -11.66
C HIS A 335 -8.40 7.24 -11.72
N GLN A 336 -7.80 7.43 -12.89
CA GLN A 336 -6.83 8.50 -13.14
C GLN A 336 -7.18 9.16 -14.47
N LEU A 337 -7.31 10.48 -14.45
CA LEU A 337 -7.68 11.23 -15.65
C LEU A 337 -6.80 10.81 -16.83
N GLY A 338 -7.45 10.39 -17.92
CA GLY A 338 -6.80 10.03 -19.16
C GLY A 338 -6.52 8.56 -19.32
N ARG A 339 -6.30 7.84 -18.22
CA ARG A 339 -5.88 6.45 -18.24
C ARG A 339 -7.07 5.51 -18.10
N ASP A 340 -6.86 4.24 -18.45
CA ASP A 340 -7.87 3.22 -18.19
C ASP A 340 -8.04 3.07 -16.68
N PRO A 341 -9.21 2.61 -16.22
CA PRO A 341 -9.33 2.13 -14.85
C PRO A 341 -8.33 1.00 -14.58
N ARG A 342 -7.95 0.92 -13.32
CA ARG A 342 -7.03 -0.09 -12.84
C ARG A 342 -7.66 -0.71 -11.60
N VAL A 343 -7.43 -1.99 -11.38
CA VAL A 343 -7.86 -2.65 -10.16
C VAL A 343 -6.62 -3.17 -9.45
N THR A 344 -6.53 -2.88 -8.16
CA THR A 344 -5.39 -3.33 -7.38
C THR A 344 -5.87 -4.34 -6.34
N VAL A 345 -5.13 -5.44 -6.20
CA VAL A 345 -5.41 -6.43 -5.18
C VAL A 345 -4.20 -6.46 -4.26
N TYR A 346 -4.44 -6.28 -2.97
CA TYR A 346 -3.40 -6.34 -1.93
C TYR A 346 -3.44 -7.72 -1.30
N VAL A 347 -2.27 -8.34 -1.16
CA VAL A 347 -2.15 -9.74 -0.75
C VAL A 347 -1.21 -9.81 0.44
N SER A 348 -1.64 -10.48 1.49
CA SER A 348 -0.92 -10.50 2.73
C SER A 348 0.17 -11.56 2.70
N SER A 349 1.20 -11.35 3.52
CA SER A 349 2.30 -12.30 3.63
C SER A 349 1.98 -13.47 4.55
N GLU A 350 1.18 -13.23 5.59
CA GLU A 350 0.83 -14.26 6.58
C GLU A 350 2.09 -14.94 7.13
N ALA A 351 3.13 -14.14 7.38
CA ALA A 351 4.36 -14.70 7.92
C ALA A 351 4.21 -15.11 9.38
N TYR A 352 3.27 -14.51 10.11
CA TYR A 352 3.09 -14.78 11.52
C TYR A 352 1.79 -15.47 11.87
N ALA A 353 0.72 -15.24 11.12
CA ALA A 353 -0.56 -15.81 11.49
C ALA A 353 -1.51 -15.77 10.29
N VAL A 354 -2.32 -16.81 10.18
CA VAL A 354 -3.47 -16.82 9.29
C VAL A 354 -4.70 -16.56 10.14
N GLN A 355 -5.45 -15.51 9.81
CA GLN A 355 -6.64 -15.22 10.58
C GLN A 355 -7.69 -16.30 10.28
N PRO A 356 -8.39 -16.79 11.29
CA PRO A 356 -9.32 -17.90 11.06
C PRO A 356 -10.57 -17.44 10.35
N PRO A 357 -11.23 -18.33 9.59
CA PRO A 357 -12.49 -17.98 8.95
C PRO A 357 -13.50 -17.39 9.94
N ARG A 358 -14.36 -16.51 9.43
CA ARG A 358 -15.29 -15.76 10.26
C ARG A 358 -16.62 -16.50 10.40
#